data_4QPS
#
_entry.id   4QPS
#
_cell.length_a   79.511
_cell.length_b   43.877
_cell.length_c   81.695
_cell.angle_alpha   90.00
_cell.angle_beta   115.26
_cell.angle_gamma   90.00
#
_symmetry.space_group_name_H-M   'P 1 21 1'
#
loop_
_entity.id
_entity.type
_entity.pdbx_description
1 polymer 'Tyrosine-protein kinase JAK3'
2 non-polymer N-{1-[6-(phenylamino)pyrazin-2-yl]-1H-benzimidazol-6-yl}prop-2-enamide
3 water water
#
_entity_poly.entity_id   1
_entity_poly.type   'polypeptide(L)'
_entity_poly.pdbx_seq_one_letter_code
;CQDPTIFEERHLKYISQLGKGNFGSVELCRYDPLGDNTGALVAVKQLQHSGPDQQRDFQREIQILKALHSDFIVKYRGVS
YGPGRQSLRLVMEYLPSGCLRDFLQRHRARLDASRLLLYSSQICKGMEYLGSRRCVHRALAARNILVESEAHVKIADFGL
AKLLPLDKDYYVVREPGQSPIFWYAPESLSDNIFSRQSDVWSFGVVLYELFTYCDKSCSPSAEFLRMMGSERDVPALSRL
LELLEEGQRLPAPPACPAEVHELMKLCWAPSPQDRPSFSALGPQLDMLWSGSR
;
_entity_poly.pdbx_strand_id   A,C
#
# COMPACT_ATOMS: atom_id res chain seq x y z
N PRO A 4 -19.09 -9.62 -16.68
CA PRO A 4 -18.58 -10.77 -17.43
C PRO A 4 -18.21 -10.22 -18.80
N THR A 5 -17.19 -9.37 -18.84
CA THR A 5 -16.87 -8.65 -20.07
C THR A 5 -15.38 -8.44 -20.27
N ILE A 6 -15.00 -7.94 -21.45
CA ILE A 6 -13.63 -7.54 -21.69
C ILE A 6 -13.64 -6.06 -21.28
N PHE A 7 -12.76 -5.70 -20.35
CA PHE A 7 -12.59 -4.34 -19.87
C PHE A 7 -11.50 -3.71 -20.70
N GLU A 8 -11.85 -2.65 -21.44
CA GLU A 8 -10.83 -1.98 -22.22
C GLU A 8 -9.89 -1.27 -21.25
N GLU A 9 -8.58 -1.51 -21.39
CA GLU A 9 -7.52 -0.94 -20.55
C GLU A 9 -7.63 0.58 -20.46
N ARG A 10 -7.92 1.25 -21.60
CA ARG A 10 -8.09 2.71 -21.70
C ARG A 10 -9.18 3.28 -20.77
N HIS A 11 -10.19 2.45 -20.41
CA HIS A 11 -11.29 2.85 -19.54
C HIS A 11 -11.04 2.53 -18.05
N LEU A 12 -9.97 1.79 -17.74
CA LEU A 12 -9.68 1.44 -16.34
C LEU A 12 -8.83 2.53 -15.74
N LYS A 13 -9.43 3.29 -14.84
CA LYS A 13 -8.78 4.42 -14.18
C LYS A 13 -8.21 3.95 -12.84
N TYR A 14 -6.89 3.93 -12.73
CA TYR A 14 -6.16 3.50 -11.54
C TYR A 14 -6.53 4.37 -10.31
N ILE A 15 -6.91 3.70 -9.21
CA ILE A 15 -7.22 4.41 -7.99
C ILE A 15 -6.10 4.20 -6.97
N SER A 16 -5.72 2.92 -6.71
N SER A 16 -5.71 2.92 -6.70
CA SER A 16 -4.68 2.56 -5.73
CA SER A 16 -4.65 2.58 -5.75
C SER A 16 -4.22 1.12 -5.89
C SER A 16 -4.20 1.14 -5.91
N GLN A 17 -3.07 0.77 -5.28
CA GLN A 17 -2.58 -0.61 -5.31
C GLN A 17 -3.17 -1.24 -4.05
N LEU A 18 -3.88 -2.35 -4.19
CA LEU A 18 -4.48 -3.00 -3.02
C LEU A 18 -3.56 -3.98 -2.35
N GLY A 19 -2.76 -4.68 -3.12
CA GLY A 19 -1.82 -5.65 -2.60
C GLY A 19 -0.80 -6.08 -3.62
N LYS A 20 0.26 -6.72 -3.13
CA LYS A 20 1.38 -7.26 -3.90
C LYS A 20 1.95 -8.46 -3.15
N GLY A 21 2.44 -9.44 -3.90
CA GLY A 21 2.99 -10.65 -3.31
C GLY A 21 4.00 -11.36 -4.18
N ASN A 22 3.58 -12.48 -4.77
CA ASN A 22 4.39 -13.34 -5.64
C ASN A 22 4.19 -13.02 -7.11
N GLY A 24 3.14 -10.35 -8.75
CA GLY A 24 1.70 -10.38 -8.55
C GLY A 24 1.19 -9.16 -7.81
N SER A 25 0.14 -8.52 -8.32
CA SER A 25 -0.42 -7.32 -7.66
C SER A 25 -1.90 -7.21 -7.94
N VAL A 26 -2.64 -6.56 -7.03
CA VAL A 26 -4.08 -6.31 -7.19
C VAL A 26 -4.21 -4.79 -7.12
N GLU A 27 -4.89 -4.17 -8.11
CA GLU A 27 -5.07 -2.73 -8.16
C GLU A 27 -6.53 -2.38 -8.09
N LEU A 28 -6.89 -1.34 -7.30
CA LEU A 28 -8.26 -0.85 -7.28
C LEU A 28 -8.37 0.12 -8.47
N CYS A 29 -9.33 -0.12 -9.37
CA CYS A 29 -9.55 0.71 -10.56
C CYS A 29 -11.01 1.11 -10.65
N ARG A 30 -11.28 2.21 -11.35
CA ARG A 30 -12.66 2.57 -11.61
C ARG A 30 -12.83 2.26 -13.09
N TYR A 31 -13.86 1.47 -13.44
CA TYR A 31 -14.17 1.17 -14.82
C TYR A 31 -15.08 2.28 -15.28
N ASP A 32 -14.50 3.26 -15.95
CA ASP A 32 -15.22 4.44 -16.34
C ASP A 32 -15.26 4.60 -17.86
N PRO A 33 -16.12 3.85 -18.58
CA PRO A 33 -16.17 4.01 -20.06
C PRO A 33 -16.74 5.37 -20.48
N LEU A 34 -17.66 5.94 -19.68
CA LEU A 34 -18.26 7.25 -19.94
C LEU A 34 -17.24 8.38 -19.75
N GLY A 35 -16.33 8.22 -18.79
CA GLY A 35 -15.26 9.16 -18.47
C GLY A 35 -15.65 10.30 -17.55
N ASP A 36 -16.69 10.09 -16.70
CA ASP A 36 -17.19 11.13 -15.78
C ASP A 36 -17.24 10.74 -14.29
N ASN A 37 -16.46 9.69 -13.90
CA ASN A 37 -16.34 9.18 -12.53
C ASN A 37 -17.66 8.77 -11.85
N THR A 38 -18.45 7.98 -12.58
CA THR A 38 -19.73 7.43 -12.14
C THR A 38 -19.68 5.90 -12.24
N GLY A 39 -18.71 5.40 -13.01
CA GLY A 39 -18.46 3.98 -13.23
C GLY A 39 -18.13 3.21 -11.96
N ALA A 40 -18.40 1.90 -12.00
CA ALA A 40 -18.23 0.99 -10.87
C ALA A 40 -16.76 0.65 -10.56
N LEU A 41 -16.45 0.41 -9.28
CA LEU A 41 -15.08 0.07 -8.86
C LEU A 41 -14.82 -1.41 -9.08
N VAL A 42 -13.58 -1.77 -9.46
CA VAL A 42 -13.16 -3.16 -9.68
C VAL A 42 -11.74 -3.38 -9.14
N ALA A 43 -11.40 -4.65 -8.88
CA ALA A 43 -10.05 -5.05 -8.46
C ALA A 43 -9.43 -5.79 -9.62
N VAL A 44 -8.28 -5.32 -10.09
CA VAL A 44 -7.60 -5.88 -11.26
C VAL A 44 -6.32 -6.58 -10.82
N LYS A 45 -6.18 -7.91 -11.08
CA LYS A 45 -4.96 -8.67 -10.75
C LYS A 45 -4.14 -8.78 -12.00
N GLN A 46 -2.83 -8.51 -11.88
CA GLN A 46 -1.86 -8.61 -12.96
C GLN A 46 -0.56 -9.24 -12.44
N LEU A 47 0.17 -9.96 -13.29
CA LEU A 47 1.41 -10.64 -12.96
C LEU A 47 2.64 -9.74 -13.10
N ASP A 53 6.68 -18.08 -17.93
CA ASP A 53 6.34 -19.41 -17.41
C ASP A 53 4.97 -19.43 -16.69
N GLN A 54 4.46 -18.24 -16.31
CA GLN A 54 3.20 -18.07 -15.59
C GLN A 54 1.94 -17.85 -16.48
N GLN A 55 2.09 -18.05 -17.81
CA GLN A 55 0.97 -17.96 -18.76
C GLN A 55 0.06 -19.16 -18.52
N ARG A 56 0.67 -20.33 -18.19
CA ARG A 56 -0.02 -21.58 -17.85
C ARG A 56 -0.78 -21.42 -16.52
N ASP A 57 -0.22 -20.66 -15.57
CA ASP A 57 -0.83 -20.44 -14.26
C ASP A 57 -2.02 -19.46 -14.27
N PHE A 58 -1.96 -18.38 -15.09
CA PHE A 58 -3.10 -17.46 -15.25
C PHE A 58 -4.20 -18.15 -16.06
N GLN A 59 -3.82 -18.99 -17.04
CA GLN A 59 -4.77 -19.79 -17.81
C GLN A 59 -5.47 -20.78 -16.86
N ARG A 60 -4.72 -21.36 -15.91
CA ARG A 60 -5.28 -22.29 -14.93
C ARG A 60 -6.24 -21.53 -14.00
N GLU A 61 -5.81 -20.40 -13.46
CA GLU A 61 -6.60 -19.61 -12.52
C GLU A 61 -7.91 -19.05 -13.09
N ILE A 62 -7.86 -18.53 -14.33
CA ILE A 62 -9.06 -17.98 -14.98
C ILE A 62 -10.12 -19.05 -15.26
N GLN A 63 -9.70 -20.24 -15.70
CA GLN A 63 -10.61 -21.36 -15.98
C GLN A 63 -11.38 -21.75 -14.72
N ILE A 64 -10.71 -21.72 -13.55
CA ILE A 64 -11.35 -22.01 -12.28
C ILE A 64 -12.36 -20.90 -11.93
N LEU A 65 -11.91 -19.62 -11.96
CA LEU A 65 -12.75 -18.46 -11.59
C LEU A 65 -13.98 -18.26 -12.43
N LYS A 66 -13.90 -18.60 -13.73
CA LYS A 66 -15.04 -18.50 -14.67
C LYS A 66 -16.19 -19.39 -14.22
N ALA A 67 -15.83 -20.54 -13.64
CA ALA A 67 -16.71 -21.61 -13.19
C ALA A 67 -17.31 -21.44 -11.77
N LEU A 68 -16.85 -20.46 -10.98
CA LEU A 68 -17.35 -20.30 -9.61
C LEU A 68 -18.41 -19.24 -9.50
N HIS A 69 -19.57 -19.58 -8.94
CA HIS A 69 -20.68 -18.64 -8.77
C HIS A 69 -21.24 -18.87 -7.38
N SER A 70 -20.80 -18.05 -6.41
CA SER A 70 -21.23 -18.17 -5.01
C SER A 70 -21.15 -16.82 -4.36
N ASP A 71 -22.08 -16.55 -3.41
CA ASP A 71 -22.04 -15.29 -2.65
C ASP A 71 -20.84 -15.29 -1.66
N PHE A 72 -20.14 -16.43 -1.50
CA PHE A 72 -19.02 -16.54 -0.57
C PHE A 72 -17.64 -16.60 -1.21
N ILE A 73 -17.59 -16.47 -2.55
N ILE A 73 -17.56 -16.36 -2.54
CA ILE A 73 -16.38 -16.52 -3.34
CA ILE A 73 -16.31 -16.36 -3.29
C ILE A 73 -16.33 -15.23 -4.11
C ILE A 73 -16.28 -15.09 -4.09
N VAL A 74 -15.16 -14.59 -4.16
N VAL A 74 -15.11 -14.44 -4.14
CA VAL A 74 -14.98 -13.34 -4.89
CA VAL A 74 -14.94 -13.18 -4.87
C VAL A 74 -15.45 -13.52 -6.34
C VAL A 74 -15.31 -13.38 -6.35
N LYS A 75 -16.30 -12.60 -6.81
CA LYS A 75 -16.86 -12.67 -8.17
C LYS A 75 -15.89 -12.29 -9.27
N TYR A 76 -15.75 -13.17 -10.24
CA TYR A 76 -14.93 -12.95 -11.44
C TYR A 76 -15.77 -12.01 -12.34
N ARG A 77 -15.15 -10.96 -12.87
CA ARG A 77 -15.88 -9.96 -13.67
C ARG A 77 -15.45 -9.92 -15.12
N GLY A 78 -14.25 -10.39 -15.41
CA GLY A 78 -13.75 -10.46 -16.77
C GLY A 78 -12.26 -10.29 -16.90
N VAL A 79 -11.86 -9.75 -18.06
CA VAL A 79 -10.44 -9.63 -18.38
C VAL A 79 -10.15 -8.27 -18.96
N SER A 80 -8.89 -7.92 -18.98
CA SER A 80 -8.39 -6.68 -19.54
C SER A 80 -6.99 -6.99 -20.03
N TYR A 81 -6.47 -6.16 -20.93
CA TYR A 81 -5.13 -6.37 -21.47
C TYR A 81 -4.34 -5.07 -21.52
N SER A 87 -0.67 -8.37 -22.39
CA SER A 87 -0.53 -9.03 -21.10
C SER A 87 -1.89 -9.14 -20.41
N LEU A 88 -2.33 -10.39 -20.17
CA LEU A 88 -3.61 -10.75 -19.55
C LEU A 88 -3.73 -10.20 -18.12
N ARG A 89 -4.85 -9.51 -17.84
CA ARG A 89 -5.18 -9.07 -16.49
C ARG A 89 -6.55 -9.62 -16.14
N LEU A 90 -6.71 -10.00 -14.87
N LEU A 90 -6.71 -10.04 -14.87
CA LEU A 90 -7.95 -10.56 -14.37
CA LEU A 90 -7.98 -10.57 -14.36
C LEU A 90 -8.72 -9.47 -13.64
C LEU A 90 -8.73 -9.46 -13.65
N VAL A 91 -10.01 -9.28 -13.98
CA VAL A 91 -10.87 -8.24 -13.39
C VAL A 91 -11.88 -8.90 -12.49
N MET A 92 -11.83 -8.50 -11.21
CA MET A 92 -12.69 -9.08 -10.18
C MET A 92 -13.50 -8.01 -9.49
N GLU A 93 -14.56 -8.41 -8.77
CA GLU A 93 -15.29 -7.42 -8.01
C GLU A 93 -14.36 -6.88 -6.91
N TYR A 94 -14.67 -5.69 -6.45
CA TYR A 94 -13.89 -5.07 -5.39
C TYR A 94 -14.69 -5.14 -4.10
N LEU A 95 -14.06 -5.66 -3.02
CA LEU A 95 -14.71 -5.82 -1.70
C LEU A 95 -14.22 -4.68 -0.81
N PRO A 96 -15.08 -3.68 -0.56
CA PRO A 96 -14.62 -2.43 0.07
C PRO A 96 -13.95 -2.49 1.43
N SER A 97 -14.21 -3.53 2.24
CA SER A 97 -13.56 -3.54 3.55
C SER A 97 -12.23 -4.28 3.59
N GLY A 98 -11.76 -4.73 2.43
CA GLY A 98 -10.41 -5.29 2.24
C GLY A 98 -10.12 -6.62 2.91
N CYS A 99 -8.83 -6.88 3.24
CA CYS A 99 -8.36 -8.16 3.79
C CYS A 99 -8.90 -8.34 5.20
N LEU A 100 -9.35 -9.56 5.54
CA LEU A 100 -9.89 -9.87 6.86
C LEU A 100 -8.82 -9.65 7.92
N ARG A 101 -7.57 -10.04 7.60
CA ARG A 101 -6.44 -9.80 8.50
C ARG A 101 -6.33 -8.33 8.90
N ASP A 102 -6.52 -7.37 7.95
CA ASP A 102 -6.45 -5.95 8.28
C ASP A 102 -7.68 -5.50 9.02
N PHE A 103 -8.85 -5.92 8.53
CA PHE A 103 -10.14 -5.53 9.08
C PHE A 103 -10.28 -5.92 10.56
N LEU A 104 -9.92 -7.16 10.92
CA LEU A 104 -10.05 -7.65 12.31
C LEU A 104 -9.15 -6.90 13.25
N GLN A 105 -7.94 -6.52 12.79
CA GLN A 105 -6.99 -5.78 13.63
C GLN A 105 -7.43 -4.37 13.87
N ARG A 106 -8.07 -3.73 12.86
CA ARG A 106 -8.53 -2.33 12.95
C ARG A 106 -9.84 -2.14 13.66
N HIS A 107 -10.66 -3.19 13.69
CA HIS A 107 -11.97 -3.08 14.33
C HIS A 107 -12.16 -3.99 15.53
N ARG A 108 -11.04 -4.55 16.08
CA ARG A 108 -11.00 -5.47 17.22
C ARG A 108 -11.94 -5.06 18.38
N ALA A 109 -11.77 -3.83 18.90
CA ALA A 109 -12.57 -3.28 20.00
C ALA A 109 -14.08 -3.25 19.70
N ARG A 110 -14.45 -3.04 18.42
CA ARG A 110 -15.82 -2.91 17.92
C ARG A 110 -16.44 -4.24 17.45
N LEU A 111 -15.66 -5.33 17.42
CA LEU A 111 -16.13 -6.64 16.98
C LEU A 111 -16.32 -7.54 18.18
N ASP A 112 -16.90 -8.74 17.98
CA ASP A 112 -17.19 -9.70 19.05
C ASP A 112 -17.18 -11.13 18.51
N ALA A 113 -17.29 -12.13 19.40
CA ALA A 113 -17.30 -13.55 19.03
C ALA A 113 -18.43 -13.89 18.07
N SER A 114 -19.58 -13.17 18.17
CA SER A 114 -20.74 -13.41 17.31
C SER A 114 -20.38 -13.16 15.85
N ARG A 115 -19.71 -12.04 15.60
CA ARG A 115 -19.27 -11.65 14.28
C ARG A 115 -18.27 -12.64 13.72
N LEU A 116 -17.34 -13.14 14.55
CA LEU A 116 -16.37 -14.09 14.07
C LEU A 116 -17.06 -15.42 13.69
N LEU A 117 -18.14 -15.79 14.39
CA LEU A 117 -18.89 -17.02 14.11
C LEU A 117 -19.62 -16.84 12.74
N LEU A 118 -20.15 -15.67 12.52
CA LEU A 118 -20.84 -15.32 11.26
C LEU A 118 -19.83 -15.45 10.11
N TYR A 119 -18.65 -14.84 10.23
CA TYR A 119 -17.59 -14.96 9.23
C TYR A 119 -17.13 -16.40 9.02
N SER A 120 -16.93 -17.16 10.10
CA SER A 120 -16.53 -18.57 10.06
C SER A 120 -17.56 -19.36 9.23
N SER A 121 -18.84 -19.08 9.46
CA SER A 121 -19.94 -19.80 8.78
C SER A 121 -19.93 -19.51 7.27
N GLN A 122 -19.65 -18.28 6.92
CA GLN A 122 -19.59 -17.84 5.53
C GLN A 122 -18.40 -18.45 4.80
N ILE A 123 -17.22 -18.44 5.44
CA ILE A 123 -16.03 -19.07 4.86
C ILE A 123 -16.35 -20.57 4.66
N CYS A 124 -16.96 -21.20 5.67
CA CYS A 124 -17.29 -22.63 5.60
C CYS A 124 -18.26 -22.90 4.44
N LYS A 125 -19.25 -22.02 4.20
CA LYS A 125 -20.17 -22.16 3.05
C LYS A 125 -19.46 -22.03 1.70
N GLY A 126 -18.55 -21.08 1.57
CA GLY A 126 -17.77 -20.94 0.34
C GLY A 126 -16.87 -22.15 0.11
N MET A 127 -16.29 -22.72 1.17
CA MET A 127 -15.45 -23.91 1.03
C MET A 127 -16.30 -25.15 0.70
N GLU A 128 -17.53 -25.18 1.18
CA GLU A 128 -18.43 -26.30 0.85
C GLU A 128 -18.70 -26.22 -0.66
N TYR A 129 -18.96 -25.00 -1.15
CA TYR A 129 -19.20 -24.78 -2.58
C TYR A 129 -17.97 -25.18 -3.42
N LEU A 130 -16.78 -24.74 -3.01
CA LEU A 130 -15.56 -25.12 -3.73
C LEU A 130 -15.43 -26.63 -3.79
N GLY A 131 -15.77 -27.29 -2.68
CA GLY A 131 -15.72 -28.74 -2.60
C GLY A 131 -16.65 -29.40 -3.59
N SER A 132 -17.87 -28.83 -3.75
CA SER A 132 -18.87 -29.30 -4.72
C SER A 132 -18.36 -29.16 -6.18
N ARG A 133 -17.41 -28.24 -6.45
CA ARG A 133 -16.83 -28.06 -7.79
C ARG A 133 -15.51 -28.88 -7.95
N ARG A 134 -15.15 -29.72 -6.93
CA ARG A 134 -13.91 -30.51 -6.90
C ARG A 134 -12.67 -29.60 -7.03
N CYS A 135 -12.79 -28.43 -6.42
CA CYS A 135 -11.75 -27.42 -6.41
C CYS A 135 -11.03 -27.38 -5.06
N VAL A 136 -9.71 -27.55 -5.09
CA VAL A 136 -8.86 -27.38 -3.90
C VAL A 136 -8.32 -25.95 -3.89
N HIS A 137 -8.56 -25.20 -2.82
CA HIS A 137 -8.11 -23.79 -2.72
C HIS A 137 -6.61 -23.71 -2.37
N ARG A 138 -6.19 -24.49 -1.36
CA ARG A 138 -4.82 -24.63 -0.87
C ARG A 138 -4.33 -23.45 -0.02
N ALA A 139 -4.43 -22.21 -0.56
CA ALA A 139 -3.93 -20.96 0.02
C ALA A 139 -4.72 -20.40 1.23
N LEU A 140 -5.89 -20.98 1.51
CA LEU A 140 -6.84 -20.46 2.51
C LEU A 140 -6.16 -20.00 3.79
N ALA A 141 -6.33 -18.73 4.11
CA ALA A 141 -5.74 -18.07 5.28
C ALA A 141 -6.49 -16.78 5.45
N ALA A 142 -6.44 -16.17 6.65
CA ALA A 142 -7.12 -14.89 6.85
C ALA A 142 -6.66 -13.81 5.87
N ARG A 143 -5.40 -13.84 5.43
CA ARG A 143 -4.86 -12.82 4.52
C ARG A 143 -5.55 -12.86 3.14
N ASN A 144 -6.24 -13.98 2.77
CA ASN A 144 -6.94 -14.07 1.50
C ASN A 144 -8.46 -14.17 1.63
N ILE A 145 -8.96 -13.88 2.82
CA ILE A 145 -10.40 -13.74 3.04
C ILE A 145 -10.62 -12.22 2.96
N LEU A 146 -11.63 -11.80 2.23
CA LEU A 146 -11.88 -10.38 2.02
C LEU A 146 -13.19 -10.02 2.63
N VAL A 147 -13.36 -8.75 3.02
CA VAL A 147 -14.57 -8.32 3.71
C VAL A 147 -15.33 -7.40 2.78
N GLU A 148 -16.50 -7.82 2.42
CA GLU A 148 -17.37 -7.05 1.55
C GLU A 148 -18.06 -5.96 2.38
N SER A 149 -18.52 -6.32 3.59
CA SER A 149 -19.23 -5.42 4.48
C SER A 149 -19.08 -5.97 5.86
N GLU A 150 -19.56 -5.23 6.88
CA GLU A 150 -19.49 -5.70 8.28
C GLU A 150 -20.15 -7.07 8.41
N ALA A 151 -21.16 -7.34 7.56
CA ALA A 151 -21.93 -8.57 7.59
C ALA A 151 -21.47 -9.69 6.64
N HIS A 152 -20.46 -9.45 5.76
CA HIS A 152 -20.15 -10.45 4.72
C HIS A 152 -18.71 -10.54 4.32
N VAL A 153 -18.19 -11.78 4.29
CA VAL A 153 -16.81 -12.03 3.85
C VAL A 153 -16.85 -12.99 2.68
N LYS A 154 -15.77 -13.02 1.87
CA LYS A 154 -15.67 -13.92 0.73
C LYS A 154 -14.26 -14.44 0.59
N ILE A 155 -14.11 -15.64 0.02
CA ILE A 155 -12.76 -16.23 -0.20
C ILE A 155 -12.24 -15.67 -1.51
N ALA A 156 -10.96 -15.35 -1.51
CA ALA A 156 -10.23 -14.83 -2.66
C ALA A 156 -8.95 -15.63 -2.82
N ASP A 157 -8.13 -15.20 -3.77
CA ASP A 157 -6.81 -15.76 -4.05
C ASP A 157 -6.90 -17.18 -4.54
N PHE A 158 -7.08 -17.31 -5.84
CA PHE A 158 -7.17 -18.62 -6.48
C PHE A 158 -5.89 -18.98 -7.24
N GLY A 159 -4.81 -18.25 -6.95
CA GLY A 159 -3.52 -18.44 -7.59
C GLY A 159 -2.96 -19.84 -7.44
N LEU A 160 -3.26 -20.53 -6.32
CA LEU A 160 -2.74 -21.89 -6.13
C LEU A 160 -3.83 -22.92 -6.19
N ALA A 161 -5.04 -22.51 -6.62
CA ALA A 161 -6.20 -23.41 -6.65
C ALA A 161 -6.05 -24.43 -7.74
N LYS A 162 -6.67 -25.57 -7.56
CA LYS A 162 -6.57 -26.64 -8.56
C LYS A 162 -7.86 -27.44 -8.62
N LEU A 163 -8.27 -27.83 -9.82
CA LEU A 163 -9.43 -28.69 -10.04
C LEU A 163 -8.94 -30.13 -10.00
N LEU A 164 -9.61 -30.95 -9.22
CA LEU A 164 -9.22 -32.35 -9.06
C LEU A 164 -9.65 -33.15 -10.28
N PRO A 165 -8.93 -34.23 -10.64
CA PRO A 165 -9.43 -35.11 -11.73
C PRO A 165 -10.75 -35.77 -11.31
N LEU A 166 -11.52 -36.36 -12.25
CA LEU A 166 -12.78 -37.01 -11.86
C LEU A 166 -12.60 -38.22 -10.95
N ASP A 167 -11.42 -38.87 -11.00
CA ASP A 167 -11.18 -40.14 -10.32
C ASP A 167 -10.16 -40.15 -9.17
N LYS A 168 -9.60 -38.98 -8.82
CA LYS A 168 -8.54 -38.82 -7.82
C LYS A 168 -8.95 -37.63 -6.93
N ASP A 169 -8.98 -37.84 -5.61
CA ASP A 169 -9.40 -36.80 -4.67
C ASP A 169 -8.28 -35.96 -4.07
N TYR A 170 -7.07 -36.07 -4.63
CA TYR A 170 -5.91 -35.32 -4.22
C TYR A 170 -4.97 -35.10 -5.40
N TYR A 171 -3.96 -34.28 -5.22
CA TYR A 171 -2.90 -34.07 -6.19
C TYR A 171 -1.58 -33.86 -5.45
N VAL A 172 -0.47 -33.98 -6.15
CA VAL A 172 0.86 -33.73 -5.59
C VAL A 172 1.49 -32.53 -6.30
N VAL A 173 1.96 -31.53 -5.55
CA VAL A 173 2.63 -30.34 -6.07
C VAL A 173 4.11 -30.65 -6.18
N PRO A 180 4.18 -19.62 3.07
CA PRO A 180 4.31 -20.10 4.47
C PRO A 180 3.68 -21.47 4.65
N ILE A 181 4.21 -22.30 5.58
CA ILE A 181 3.78 -23.68 5.85
C ILE A 181 2.87 -23.83 7.09
N PHE A 182 2.64 -22.74 7.84
CA PHE A 182 1.86 -22.83 9.09
C PHE A 182 0.36 -23.12 8.94
N TRP A 183 -0.16 -23.06 7.69
CA TRP A 183 -1.56 -23.39 7.41
C TRP A 183 -1.71 -24.79 6.80
N TYR A 184 -0.59 -25.45 6.45
CA TYR A 184 -0.66 -26.73 5.73
C TYR A 184 -0.88 -27.97 6.56
N ALA A 185 -1.69 -28.90 6.04
CA ALA A 185 -1.93 -30.20 6.64
C ALA A 185 -0.62 -31.01 6.61
N PRO A 186 -0.43 -31.96 7.55
CA PRO A 186 0.85 -32.67 7.60
C PRO A 186 1.21 -33.40 6.31
N GLU A 187 0.21 -34.00 5.63
CA GLU A 187 0.41 -34.71 4.34
C GLU A 187 0.90 -33.76 3.25
N SER A 188 0.53 -32.46 3.36
CA SER A 188 1.02 -31.42 2.44
C SER A 188 2.50 -31.17 2.75
N LEU A 189 2.85 -31.10 4.05
CA LEU A 189 4.21 -30.87 4.47
C LEU A 189 5.14 -32.01 4.16
N SER A 190 4.68 -33.23 4.42
CA SER A 190 5.54 -34.39 4.25
C SER A 190 5.56 -34.97 2.84
N ASP A 191 4.41 -34.95 2.16
CA ASP A 191 4.30 -35.63 0.88
C ASP A 191 3.82 -34.70 -0.27
N ASN A 192 3.75 -33.36 -0.04
CA ASN A 192 3.28 -32.37 -1.04
C ASN A 192 1.87 -32.69 -1.56
N ILE A 193 1.05 -33.37 -0.73
CA ILE A 193 -0.31 -33.77 -1.08
C ILE A 193 -1.31 -32.71 -0.71
N PHE A 194 -2.21 -32.38 -1.64
CA PHE A 194 -3.29 -31.41 -1.34
C PHE A 194 -4.62 -31.97 -1.76
N SER A 195 -5.65 -31.70 -0.96
CA SER A 195 -6.98 -32.22 -1.21
C SER A 195 -7.99 -31.29 -0.58
N ARG A 196 -9.28 -31.62 -0.69
CA ARG A 196 -10.30 -30.83 0.04
C ARG A 196 -10.16 -31.06 1.56
N GLN A 197 -9.58 -32.23 1.96
CA GLN A 197 -9.35 -32.59 3.37
C GLN A 197 -8.19 -31.76 3.94
N SER A 198 -7.21 -31.42 3.13
CA SER A 198 -6.14 -30.51 3.60
C SER A 198 -6.72 -29.10 3.66
N ASP A 199 -7.68 -28.75 2.74
CA ASP A 199 -8.35 -27.45 2.88
C ASP A 199 -9.10 -27.36 4.21
N VAL A 200 -9.66 -28.48 4.70
CA VAL A 200 -10.36 -28.47 6.02
C VAL A 200 -9.31 -28.16 7.14
N TRP A 201 -8.12 -28.76 7.07
CA TRP A 201 -7.06 -28.49 8.05
C TRP A 201 -6.75 -26.97 8.03
N SER A 202 -6.55 -26.41 6.85
CA SER A 202 -6.28 -24.97 6.72
C SER A 202 -7.41 -24.12 7.27
N PHE A 203 -8.65 -24.55 7.08
CA PHE A 203 -9.84 -23.88 7.60
C PHE A 203 -9.77 -23.80 9.15
N GLY A 204 -9.28 -24.87 9.79
CA GLY A 204 -9.07 -24.90 11.25
C GLY A 204 -8.11 -23.80 11.64
N VAL A 205 -7.04 -23.60 10.85
CA VAL A 205 -6.09 -22.49 11.11
C VAL A 205 -6.78 -21.12 10.93
N VAL A 206 -7.67 -21.03 9.92
CA VAL A 206 -8.44 -19.78 9.72
C VAL A 206 -9.32 -19.47 10.92
N LEU A 207 -10.00 -20.50 11.47
CA LEU A 207 -10.83 -20.34 12.66
C LEU A 207 -9.96 -19.82 13.79
N TYR A 208 -8.76 -20.39 13.95
CA TYR A 208 -7.79 -19.91 14.95
C TYR A 208 -7.47 -18.42 14.70
N GLU A 209 -7.16 -18.06 13.44
CA GLU A 209 -6.86 -16.68 13.10
C GLU A 209 -8.01 -15.72 13.45
N LEU A 210 -9.25 -16.09 13.09
CA LEU A 210 -10.42 -15.28 13.36
C LEU A 210 -10.51 -15.02 14.83
N PHE A 211 -10.32 -16.08 15.65
CA PHE A 211 -10.44 -15.94 17.10
C PHE A 211 -9.33 -15.20 17.79
N THR A 212 -8.19 -14.99 17.11
CA THR A 212 -7.16 -14.12 17.64
C THR A 212 -7.40 -12.67 17.17
N TYR A 213 -8.48 -12.39 16.35
CA TYR A 213 -8.70 -11.11 15.68
C TYR A 213 -7.48 -10.78 14.79
N CYS A 214 -6.83 -11.83 14.24
CA CYS A 214 -5.64 -11.68 13.41
C CYS A 214 -4.50 -10.90 14.07
N ASP A 215 -4.39 -11.04 15.39
CA ASP A 215 -3.35 -10.39 16.15
C ASP A 215 -1.98 -10.90 15.69
N LYS A 216 -1.00 -10.00 15.40
CA LYS A 216 0.31 -10.45 14.90
C LYS A 216 1.12 -11.30 15.90
N SER A 217 1.05 -10.97 17.20
CA SER A 217 1.83 -11.68 18.25
C SER A 217 1.30 -13.11 18.49
N CYS A 218 0.06 -13.38 18.08
CA CYS A 218 -0.55 -14.71 18.22
C CYS A 218 -0.87 -15.33 16.86
N SER A 219 -0.27 -14.84 15.78
CA SER A 219 -0.47 -15.39 14.43
C SER A 219 -0.02 -16.87 14.37
N PRO A 220 -0.47 -17.66 13.36
CA PRO A 220 0.02 -19.05 13.27
C PRO A 220 1.56 -19.11 13.22
N SER A 221 2.22 -18.20 12.48
CA SER A 221 3.69 -18.15 12.46
C SER A 221 4.24 -17.86 13.87
N ALA A 222 3.76 -16.78 14.53
CA ALA A 222 4.28 -16.41 15.85
C ALA A 222 4.09 -17.49 16.92
N GLU A 223 2.89 -18.08 16.97
CA GLU A 223 2.56 -19.11 17.95
C GLU A 223 3.32 -20.42 17.66
N PHE A 224 3.30 -20.89 16.41
CA PHE A 224 4.03 -22.12 16.11
C PHE A 224 5.53 -21.95 16.36
N LEU A 225 6.10 -20.79 15.98
CA LEU A 225 7.53 -20.57 16.22
C LEU A 225 7.86 -20.62 17.72
N ARG A 226 6.97 -20.07 18.59
CA ARG A 226 7.12 -20.14 20.04
C ARG A 226 7.04 -21.60 20.51
N MET A 227 6.00 -22.34 20.06
CA MET A 227 5.78 -23.74 20.45
C MET A 227 6.96 -24.63 20.07
N MET A 228 7.61 -24.32 18.94
CA MET A 228 8.72 -25.13 18.43
C MET A 228 10.07 -24.72 19.01
N GLY A 229 10.08 -23.65 19.81
CA GLY A 229 11.30 -23.06 20.37
C GLY A 229 12.22 -22.57 19.27
N SER A 230 11.67 -21.96 18.22
CA SER A 230 12.49 -21.48 17.12
C SER A 230 12.99 -20.05 17.40
N GLU A 231 14.24 -19.76 17.00
CA GLU A 231 14.82 -18.41 17.18
C GLU A 231 15.12 -17.77 15.81
N ARG A 232 14.41 -18.22 14.76
CA ARG A 232 14.57 -17.72 13.39
C ARG A 232 13.21 -17.36 12.76
N ASP A 233 13.23 -16.55 11.69
CA ASP A 233 12.03 -16.12 10.97
C ASP A 233 11.42 -17.23 10.14
N VAL A 234 12.29 -18.11 9.60
CA VAL A 234 11.89 -19.22 8.76
C VAL A 234 11.74 -20.53 9.55
N PRO A 235 10.59 -21.22 9.46
CA PRO A 235 10.44 -22.49 10.20
C PRO A 235 11.11 -23.66 9.49
N ALA A 236 11.31 -24.75 10.24
CA ALA A 236 11.84 -25.98 9.69
C ALA A 236 10.65 -26.93 9.54
N LEU A 237 10.42 -27.45 8.33
CA LEU A 237 9.35 -28.38 8.00
C LEU A 237 9.37 -29.62 8.91
N SER A 238 10.56 -30.22 9.13
CA SER A 238 10.77 -31.42 9.97
C SER A 238 10.34 -31.21 11.43
N ARG A 239 10.62 -30.03 11.96
CA ARG A 239 10.27 -29.71 13.34
C ARG A 239 8.76 -29.50 13.51
N LEU A 240 8.11 -28.90 12.50
CA LEU A 240 6.66 -28.70 12.59
C LEU A 240 5.99 -30.06 12.51
N LEU A 241 6.48 -30.95 11.64
CA LEU A 241 5.89 -32.29 11.58
C LEU A 241 6.05 -33.07 12.89
N GLU A 242 7.19 -32.88 13.57
CA GLU A 242 7.48 -33.58 14.82
C GLU A 242 6.48 -33.12 15.90
N LEU A 243 6.30 -31.80 16.00
CA LEU A 243 5.35 -31.17 16.91
C LEU A 243 3.91 -31.69 16.67
N LEU A 244 3.48 -31.75 15.38
CA LEU A 244 2.15 -32.23 15.03
C LEU A 244 1.98 -33.72 15.34
N GLU A 245 3.03 -34.54 15.07
CA GLU A 245 3.01 -35.99 15.37
C GLU A 245 2.82 -36.23 16.88
N GLU A 246 3.44 -35.38 17.72
CA GLU A 246 3.32 -35.43 19.19
C GLU A 246 1.89 -35.15 19.65
N GLY A 247 1.07 -34.61 18.76
CA GLY A 247 -0.31 -34.27 19.06
C GLY A 247 -0.46 -32.82 19.46
N GLN A 248 0.62 -32.02 19.38
CA GLN A 248 0.55 -30.60 19.75
C GLN A 248 -0.22 -29.84 18.67
N ARG A 249 -0.99 -28.83 19.08
CA ARG A 249 -1.82 -28.06 18.15
C ARG A 249 -1.84 -26.64 18.63
N LEU A 250 -2.18 -25.71 17.74
CA LEU A 250 -2.35 -24.32 18.14
C LEU A 250 -3.33 -24.28 19.29
N PRO A 251 -3.06 -23.39 20.28
CA PRO A 251 -3.93 -23.37 21.45
C PRO A 251 -5.23 -22.62 21.14
N ALA A 252 -6.20 -22.70 22.02
CA ALA A 252 -7.42 -21.95 21.83
C ALA A 252 -7.11 -20.48 22.11
N PRO A 253 -7.42 -19.54 21.18
CA PRO A 253 -7.17 -18.12 21.47
C PRO A 253 -7.97 -17.66 22.72
N PRO A 254 -7.55 -16.58 23.42
CA PRO A 254 -8.31 -16.15 24.61
C PRO A 254 -9.81 -15.89 24.35
N ALA A 255 -10.13 -15.26 23.22
CA ALA A 255 -11.49 -14.92 22.82
C ALA A 255 -12.35 -16.13 22.38
N CYS A 256 -11.75 -17.30 22.31
CA CYS A 256 -12.36 -18.49 21.73
C CYS A 256 -13.34 -19.34 22.57
N PRO A 257 -14.60 -19.48 22.09
CA PRO A 257 -15.55 -20.38 22.74
C PRO A 257 -15.04 -21.83 22.67
N ALA A 258 -15.15 -22.57 23.77
CA ALA A 258 -14.72 -23.98 23.82
C ALA A 258 -15.22 -24.79 22.64
N GLU A 259 -16.49 -24.57 22.18
CA GLU A 259 -17.13 -25.28 21.05
C GLU A 259 -16.33 -25.11 19.76
N VAL A 260 -15.84 -23.89 19.53
CA VAL A 260 -15.09 -23.54 18.32
C VAL A 260 -13.74 -24.20 18.39
N HIS A 261 -13.12 -24.19 19.59
CA HIS A 261 -11.83 -24.85 19.75
C HIS A 261 -11.96 -26.35 19.44
N GLU A 262 -13.07 -26.99 19.87
CA GLU A 262 -13.25 -28.42 19.55
C GLU A 262 -13.34 -28.64 18.04
N LEU A 263 -14.07 -27.75 17.33
CA LEU A 263 -14.18 -27.82 15.85
C LEU A 263 -12.80 -27.68 15.23
N MET A 264 -11.96 -26.73 15.72
CA MET A 264 -10.60 -26.64 15.19
C MET A 264 -9.85 -27.94 15.38
N LYS A 265 -9.97 -28.56 16.58
CA LYS A 265 -9.26 -29.82 16.81
C LYS A 265 -9.66 -30.92 15.84
N LEU A 266 -10.92 -30.94 15.41
CA LEU A 266 -11.41 -31.95 14.45
C LEU A 266 -10.79 -31.70 13.09
N CYS A 267 -10.75 -30.40 12.64
CA CYS A 267 -10.11 -30.04 11.35
C CYS A 267 -8.65 -30.48 11.35
N TRP A 268 -8.06 -30.54 12.56
CA TRP A 268 -6.66 -30.90 12.70
C TRP A 268 -6.43 -32.35 13.08
N ALA A 269 -7.37 -33.24 12.72
CA ALA A 269 -7.16 -34.70 12.91
C ALA A 269 -5.97 -35.08 12.01
N PRO A 270 -5.04 -35.94 12.48
CA PRO A 270 -3.83 -36.19 11.67
C PRO A 270 -4.08 -36.90 10.34
N SER A 271 -5.09 -37.77 10.29
CA SER A 271 -5.48 -38.45 9.05
C SER A 271 -6.59 -37.68 8.35
N PRO A 272 -6.38 -37.38 7.04
CA PRO A 272 -7.36 -36.60 6.28
C PRO A 272 -8.80 -37.11 6.31
N GLN A 273 -8.98 -38.45 6.24
CA GLN A 273 -10.29 -39.05 6.23
C GLN A 273 -11.03 -38.93 7.57
N ASP A 274 -10.31 -38.56 8.64
CA ASP A 274 -10.87 -38.36 9.97
C ASP A 274 -11.28 -36.92 10.25
N ARG A 275 -11.10 -35.99 9.26
CA ARG A 275 -11.47 -34.59 9.44
C ARG A 275 -12.91 -34.41 9.03
N PRO A 276 -13.60 -33.42 9.63
CA PRO A 276 -15.00 -33.18 9.25
C PRO A 276 -15.08 -32.59 7.85
N SER A 277 -16.28 -32.57 7.28
CA SER A 277 -16.48 -31.97 5.99
C SER A 277 -16.99 -30.57 6.23
N PHE A 278 -16.89 -29.70 5.22
CA PHE A 278 -17.42 -28.34 5.36
C PHE A 278 -18.95 -28.38 5.51
N SER A 279 -19.61 -29.37 4.89
CA SER A 279 -21.06 -29.56 4.97
C SER A 279 -21.52 -29.94 6.42
N ALA A 280 -20.64 -30.54 7.22
CA ALA A 280 -20.85 -30.93 8.63
C ALA A 280 -20.49 -29.80 9.60
N LEU A 281 -19.37 -29.05 9.33
CA LEU A 281 -18.93 -27.94 10.18
C LEU A 281 -19.89 -26.78 10.10
N GLY A 282 -20.38 -26.52 8.88
CA GLY A 282 -21.27 -25.42 8.48
C GLY A 282 -22.50 -25.16 9.33
N PRO A 283 -23.40 -26.15 9.52
CA PRO A 283 -24.59 -25.92 10.36
C PRO A 283 -24.23 -25.58 11.81
N GLN A 284 -23.17 -26.25 12.36
CA GLN A 284 -22.62 -26.05 13.71
C GLN A 284 -22.18 -24.62 13.94
N LEU A 285 -21.43 -24.04 12.97
CA LEU A 285 -20.98 -22.67 13.06
C LEU A 285 -22.17 -21.72 12.92
N ASP A 286 -23.10 -22.07 12.01
CA ASP A 286 -24.29 -21.26 11.76
C ASP A 286 -25.14 -21.12 13.04
N MET A 287 -25.38 -22.25 13.72
CA MET A 287 -26.13 -22.34 14.97
C MET A 287 -25.49 -21.53 16.09
N LEU A 288 -24.14 -21.63 16.25
CA LEU A 288 -23.38 -20.86 17.24
C LEU A 288 -23.60 -19.37 17.03
N TRP A 289 -23.66 -18.94 15.76
CA TRP A 289 -23.94 -17.54 15.46
C TRP A 289 -25.40 -17.21 15.81
N SER A 290 -26.34 -17.98 15.22
CA SER A 290 -27.79 -17.82 15.37
C SER A 290 -28.26 -18.11 16.78
N PRO B 4 -12.16 22.53 5.02
CA PRO B 4 -11.57 21.56 5.98
C PRO B 4 -12.51 21.28 7.12
N THR B 5 -12.42 20.08 7.70
CA THR B 5 -13.37 19.66 8.75
C THR B 5 -12.72 18.77 9.79
N ILE B 6 -13.47 18.44 10.84
CA ILE B 6 -13.01 17.48 11.84
C ILE B 6 -13.64 16.16 11.43
N PHE B 7 -12.80 15.14 11.22
CA PHE B 7 -13.30 13.83 10.81
C PHE B 7 -13.48 12.91 12.01
N GLU B 8 -14.57 12.16 12.03
CA GLU B 8 -14.85 11.16 13.06
C GLU B 8 -14.04 9.93 12.68
N GLU B 9 -13.08 9.54 13.54
CA GLU B 9 -12.22 8.39 13.27
C GLU B 9 -12.97 7.12 12.90
N ARG B 10 -14.16 6.90 13.52
CA ARG B 10 -14.99 5.70 13.29
C ARG B 10 -15.47 5.55 11.85
N HIS B 11 -15.51 6.65 11.10
CA HIS B 11 -16.00 6.64 9.71
C HIS B 11 -14.86 6.63 8.68
N LEU B 12 -13.61 6.54 9.13
CA LEU B 12 -12.46 6.47 8.26
C LEU B 12 -12.22 5.01 7.97
N LYS B 13 -12.50 4.60 6.72
CA LYS B 13 -12.38 3.21 6.28
C LYS B 13 -11.08 2.99 5.55
N TYR B 14 -10.22 2.13 6.10
CA TYR B 14 -8.92 1.85 5.52
C TYR B 14 -9.02 1.17 4.17
N ILE B 15 -8.21 1.63 3.19
CA ILE B 15 -8.21 0.98 1.90
C ILE B 15 -6.81 0.40 1.63
N SER B 16 -5.75 1.24 1.70
CA SER B 16 -4.40 0.75 1.40
C SER B 16 -3.35 1.64 2.00
N GLN B 17 -2.11 1.14 2.13
CA GLN B 17 -1.02 1.92 2.68
C GLN B 17 -0.28 2.65 1.58
N LEU B 18 -0.15 3.98 1.72
CA LEU B 18 0.60 4.76 0.73
C LEU B 18 2.07 4.80 1.04
N GLY B 19 2.40 4.73 2.32
CA GLY B 19 3.79 4.78 2.77
C GLY B 19 3.92 4.58 4.26
N LYS B 20 5.14 4.22 4.73
CA LYS B 20 5.42 3.94 6.15
C LYS B 20 6.91 4.07 6.44
N GLY B 21 7.23 4.70 7.56
CA GLY B 21 8.60 4.88 8.03
C GLY B 21 8.71 5.63 9.33
N ASN B 22 9.81 6.41 9.46
CA ASN B 22 10.19 7.25 10.61
C ASN B 22 9.25 8.47 10.74
N PHE B 23 8.35 8.62 9.77
CA PHE B 23 7.33 9.67 9.70
C PHE B 23 5.97 9.07 10.08
N GLY B 24 5.96 7.80 10.51
CA GLY B 24 4.73 7.08 10.84
C GLY B 24 4.15 6.36 9.63
N SER B 25 2.83 6.48 9.36
CA SER B 25 2.20 5.82 8.20
C SER B 25 1.20 6.75 7.49
N VAL B 26 1.08 6.61 6.17
CA VAL B 26 0.08 7.38 5.41
C VAL B 26 -0.82 6.35 4.71
N GLU B 27 -2.14 6.43 4.92
CA GLU B 27 -3.08 5.44 4.36
C GLU B 27 -4.15 6.07 3.52
N LEU B 28 -4.54 5.37 2.45
CA LEU B 28 -5.67 5.79 1.67
C LEU B 28 -6.88 5.26 2.45
N CYS B 29 -7.82 6.15 2.77
CA CYS B 29 -9.05 5.79 3.50
C CYS B 29 -10.20 6.34 2.75
N ARG B 30 -11.42 5.85 3.07
CA ARG B 30 -12.62 6.49 2.53
C ARG B 30 -13.30 7.07 3.78
N TYR B 31 -13.68 8.35 3.74
CA TYR B 31 -14.41 8.89 4.89
C TYR B 31 -15.84 8.63 4.53
N ASP B 32 -16.42 7.62 5.19
CA ASP B 32 -17.72 7.13 4.82
C ASP B 32 -18.79 7.14 5.93
N PRO B 33 -19.22 8.34 6.39
CA PRO B 33 -20.26 8.39 7.45
C PRO B 33 -21.62 7.79 7.08
N LEU B 34 -21.94 7.70 5.76
CA LEU B 34 -23.21 7.11 5.34
C LEU B 34 -23.18 5.57 5.30
N GLY B 35 -21.99 4.99 5.40
CA GLY B 35 -21.77 3.54 5.36
C GLY B 35 -22.24 2.87 4.09
N ASP B 36 -22.26 3.62 2.96
CA ASP B 36 -22.71 3.11 1.66
C ASP B 36 -21.60 3.24 0.59
N ASN B 37 -20.34 3.48 1.03
CA ASN B 37 -19.18 3.62 0.14
C ASN B 37 -19.29 4.78 -0.88
N THR B 38 -20.08 5.81 -0.56
CA THR B 38 -20.19 6.99 -1.44
C THR B 38 -19.24 8.12 -0.98
N GLY B 39 -18.65 7.97 0.20
CA GLY B 39 -17.77 8.97 0.80
C GLY B 39 -16.53 9.28 -0.02
N ALA B 40 -15.85 10.39 0.32
CA ALA B 40 -14.64 10.82 -0.39
C ALA B 40 -13.42 10.00 0.02
N LEU B 41 -12.48 9.85 -0.93
CA LEU B 41 -11.22 9.21 -0.61
C LEU B 41 -10.32 10.31 -0.03
N VAL B 42 -9.53 9.98 1.00
CA VAL B 42 -8.61 10.92 1.62
C VAL B 42 -7.31 10.18 1.92
N ALA B 43 -6.21 10.93 2.06
CA ALA B 43 -4.93 10.36 2.48
C ALA B 43 -4.86 10.73 3.95
N VAL B 44 -4.59 9.75 4.79
CA VAL B 44 -4.59 9.95 6.24
C VAL B 44 -3.21 9.65 6.80
N LYS B 45 -2.61 10.64 7.46
CA LYS B 45 -1.30 10.43 8.06
C LYS B 45 -1.44 10.19 9.55
N GLN B 46 -0.70 9.19 10.06
CA GLN B 46 -0.62 8.89 11.48
C GLN B 46 0.84 8.80 11.92
N LEU B 47 1.25 9.62 12.91
CA LEU B 47 2.63 9.63 13.40
C LEU B 47 2.89 8.50 14.39
N SER B 50 4.52 8.62 19.16
CA SER B 50 4.64 8.40 20.60
C SER B 50 4.11 9.55 21.51
N GLY B 51 5.00 10.38 22.09
CA GLY B 51 4.65 11.44 23.03
C GLY B 51 4.82 12.92 22.70
N PRO B 52 5.55 13.71 23.54
CA PRO B 52 5.59 15.16 23.35
C PRO B 52 6.16 15.72 22.05
N ASP B 53 7.21 15.10 21.48
CA ASP B 53 7.79 15.62 20.24
C ASP B 53 6.83 15.47 19.06
N GLN B 54 6.08 14.38 19.05
CA GLN B 54 5.06 14.07 18.04
C GLN B 54 3.90 15.05 18.17
N GLN B 55 3.44 15.36 19.41
CA GLN B 55 2.39 16.36 19.63
C GLN B 55 2.89 17.68 19.05
N ARG B 56 4.15 18.04 19.37
CA ARG B 56 4.70 19.29 18.91
C ARG B 56 4.87 19.28 17.39
N ASP B 57 5.32 18.16 16.82
CA ASP B 57 5.53 18.05 15.36
C ASP B 57 4.20 18.08 14.62
N PHE B 58 3.19 17.42 15.17
CA PHE B 58 1.84 17.40 14.58
C PHE B 58 1.24 18.78 14.57
N GLN B 59 1.27 19.50 15.70
CA GLN B 59 0.76 20.87 15.85
C GLN B 59 1.42 21.74 14.80
N ARG B 60 2.77 21.67 14.72
CA ARG B 60 3.56 22.45 13.79
C ARG B 60 3.07 22.26 12.35
N GLU B 61 2.91 21.00 11.92
CA GLU B 61 2.53 20.68 10.54
C GLU B 61 1.13 21.17 10.20
N ILE B 62 0.15 20.89 11.08
CA ILE B 62 -1.24 21.33 10.84
C ILE B 62 -1.35 22.83 10.84
N GLN B 63 -0.57 23.54 11.67
CA GLN B 63 -0.52 25.00 11.69
C GLN B 63 -0.07 25.53 10.31
N ILE B 64 0.92 24.87 9.67
CA ILE B 64 1.43 25.28 8.36
C ILE B 64 0.36 24.97 7.31
N LEU B 65 -0.09 23.72 7.26
CA LEU B 65 -1.04 23.26 6.25
C LEU B 65 -2.34 24.02 6.24
N LYS B 66 -2.89 24.33 7.44
CA LYS B 66 -4.16 25.06 7.50
C LYS B 66 -4.08 26.44 6.82
N ALA B 67 -2.88 27.03 6.82
CA ALA B 67 -2.62 28.37 6.32
C ALA B 67 -2.34 28.46 4.81
N LEU B 68 -2.09 27.32 4.14
CA LEU B 68 -1.71 27.27 2.72
C LEU B 68 -2.91 27.13 1.77
N HIS B 69 -2.95 28.02 0.76
CA HIS B 69 -4.04 28.00 -0.21
C HIS B 69 -3.46 28.26 -1.56
N SER B 70 -3.09 27.18 -2.27
CA SER B 70 -2.47 27.28 -3.58
C SER B 70 -2.86 26.07 -4.41
N ASP B 71 -3.04 26.25 -5.72
CA ASP B 71 -3.39 25.16 -6.60
C ASP B 71 -2.18 24.24 -6.76
N PHE B 72 -1.01 24.69 -6.33
CA PHE B 72 0.21 23.91 -6.46
C PHE B 72 0.65 23.27 -5.14
N ILE B 73 -0.22 23.30 -4.14
N ILE B 73 -0.21 23.30 -4.11
CA ILE B 73 0.01 22.71 -2.83
CA ILE B 73 0.06 22.67 -2.81
C ILE B 73 -1.12 21.74 -2.58
C ILE B 73 -1.10 21.80 -2.46
N VAL B 74 -0.79 20.55 -2.03
CA VAL B 74 -1.77 19.53 -1.63
C VAL B 74 -2.82 20.14 -0.67
N LYS B 75 -4.10 19.86 -0.94
CA LYS B 75 -5.16 20.42 -0.12
C LYS B 75 -5.24 19.70 1.22
N TYR B 76 -5.29 20.50 2.29
CA TYR B 76 -5.48 20.03 3.63
C TYR B 76 -6.99 19.87 3.84
N ARG B 77 -7.41 18.70 4.31
CA ARG B 77 -8.83 18.38 4.52
C ARG B 77 -9.27 18.45 6.00
N GLY B 78 -8.35 18.25 6.93
CA GLY B 78 -8.72 18.33 8.34
C GLY B 78 -7.97 17.35 9.21
N VAL B 79 -8.56 17.04 10.37
CA VAL B 79 -7.88 16.22 11.38
C VAL B 79 -8.85 15.20 11.90
N SER B 80 -8.31 14.19 12.56
CA SER B 80 -9.15 13.18 13.19
C SER B 80 -8.40 12.69 14.42
N TYR B 81 -9.01 12.82 15.60
CA TYR B 81 -8.34 12.42 16.86
C TYR B 81 -8.99 11.28 17.56
N GLY B 82 -8.20 10.59 18.38
CA GLY B 82 -8.72 9.53 19.22
C GLY B 82 -8.96 8.20 18.56
N PRO B 83 -9.57 7.23 19.29
CA PRO B 83 -10.07 7.33 20.67
C PRO B 83 -8.99 7.56 21.73
N GLY B 84 -7.76 7.11 21.44
CA GLY B 84 -6.64 7.28 22.34
C GLY B 84 -6.23 8.75 22.44
N ARG B 85 -5.76 9.18 23.62
CA ARG B 85 -5.30 10.56 23.89
C ARG B 85 -4.37 11.11 22.84
N GLN B 86 -3.37 10.30 22.44
CA GLN B 86 -2.31 10.69 21.53
C GLN B 86 -2.47 10.09 20.13
N SER B 87 -3.71 9.73 19.75
CA SER B 87 -3.98 9.20 18.42
C SER B 87 -4.35 10.38 17.54
N LEU B 88 -3.37 10.88 16.79
CA LEU B 88 -3.52 12.07 15.95
C LEU B 88 -3.46 11.75 14.47
N ARG B 89 -4.43 12.23 13.69
CA ARG B 89 -4.44 11.96 12.24
C ARG B 89 -4.59 13.24 11.47
N LEU B 90 -3.81 13.40 10.43
CA LEU B 90 -3.89 14.54 9.53
C LEU B 90 -4.53 14.02 8.25
N VAL B 91 -5.57 14.72 7.78
CA VAL B 91 -6.32 14.24 6.63
C VAL B 91 -6.06 15.20 5.46
N MET B 92 -5.57 14.63 4.35
CA MET B 92 -5.27 15.40 3.14
C MET B 92 -6.10 14.84 1.99
N GLU B 93 -6.20 15.62 0.90
CA GLU B 93 -6.86 15.10 -0.31
C GLU B 93 -6.07 13.94 -0.91
N TYR B 94 -6.81 13.06 -1.61
CA TYR B 94 -6.19 11.90 -2.23
C TYR B 94 -6.15 12.16 -3.71
N LEU B 95 -4.99 11.90 -4.33
CA LEU B 95 -4.78 12.13 -5.77
C LEU B 95 -4.41 10.79 -6.38
N PRO B 96 -5.39 10.09 -7.00
CA PRO B 96 -5.10 8.70 -7.48
C PRO B 96 -3.97 8.49 -8.46
N SER B 97 -3.59 9.50 -9.24
CA SER B 97 -2.45 9.36 -10.16
C SER B 97 -1.17 9.17 -9.40
N GLY B 98 -1.21 9.46 -8.10
CA GLY B 98 -0.10 9.19 -7.18
C GLY B 98 1.05 10.15 -7.18
N CYS B 99 2.19 9.71 -6.59
CA CYS B 99 3.34 10.62 -6.54
C CYS B 99 4.01 10.69 -7.91
N LEU B 100 4.61 11.83 -8.23
CA LEU B 100 5.26 12.03 -9.52
C LEU B 100 6.32 10.99 -9.78
N ARG B 101 7.05 10.55 -8.73
CA ARG B 101 8.08 9.52 -8.89
C ARG B 101 7.48 8.25 -9.50
N ASP B 102 6.38 7.75 -8.94
CA ASP B 102 5.75 6.52 -9.41
C ASP B 102 5.10 6.72 -10.74
N PHE B 103 4.44 7.86 -10.93
CA PHE B 103 3.75 8.22 -12.16
C PHE B 103 4.71 8.27 -13.37
N LEU B 104 5.88 8.94 -13.20
CA LEU B 104 6.88 9.02 -14.28
C LEU B 104 7.44 7.66 -14.61
N GLN B 105 7.70 6.81 -13.58
CA GLN B 105 8.23 5.45 -13.77
C GLN B 105 7.24 4.63 -14.63
N ARG B 106 5.94 4.74 -14.31
CA ARG B 106 4.83 4.03 -14.99
C ARG B 106 4.45 4.56 -16.39
N HIS B 107 4.51 5.89 -16.62
CA HIS B 107 4.04 6.49 -17.87
C HIS B 107 5.09 7.14 -18.76
N ARG B 108 6.36 6.89 -18.43
CA ARG B 108 7.58 7.30 -19.11
C ARG B 108 7.42 7.30 -20.65
N ALA B 109 6.94 6.18 -21.23
CA ALA B 109 6.75 5.95 -22.67
C ALA B 109 5.78 6.95 -23.34
N ARG B 110 4.74 7.38 -22.62
CA ARG B 110 3.71 8.33 -23.10
C ARG B 110 4.11 9.79 -22.89
N LEU B 111 5.14 10.05 -22.06
CA LEU B 111 5.52 11.43 -21.69
C LEU B 111 6.73 11.97 -22.43
N ASP B 112 6.91 13.32 -22.42
CA ASP B 112 8.01 14.00 -23.11
C ASP B 112 8.49 15.20 -22.32
N ALA B 113 9.57 15.85 -22.82
CA ALA B 113 10.17 17.03 -22.19
C ALA B 113 9.20 18.20 -21.98
N SER B 114 8.18 18.43 -22.86
CA SER B 114 7.27 19.57 -22.62
C SER B 114 6.48 19.32 -21.33
N ARG B 115 6.05 18.07 -21.09
CA ARG B 115 5.33 17.69 -19.87
C ARG B 115 6.22 17.83 -18.64
N LEU B 116 7.50 17.43 -18.74
CA LEU B 116 8.43 17.56 -17.62
C LEU B 116 8.66 19.03 -17.34
N LEU B 117 8.71 19.89 -18.39
CA LEU B 117 8.87 21.32 -18.17
C LEU B 117 7.63 21.90 -17.53
N LEU B 118 6.43 21.41 -17.93
CA LEU B 118 5.19 21.90 -17.37
C LEU B 118 5.20 21.60 -15.87
N TYR B 119 5.53 20.36 -15.51
CA TYR B 119 5.58 19.98 -14.07
C TYR B 119 6.61 20.80 -13.32
N SER B 120 7.83 20.98 -13.91
CA SER B 120 8.89 21.79 -13.25
C SER B 120 8.41 23.19 -12.96
N SER B 121 7.68 23.79 -13.90
CA SER B 121 7.15 25.13 -13.72
C SER B 121 6.12 25.22 -12.62
N GLN B 122 5.24 24.20 -12.49
CA GLN B 122 4.22 24.20 -11.45
C GLN B 122 4.85 23.98 -10.09
N ILE B 123 5.83 23.06 -9.99
CA ILE B 123 6.54 22.83 -8.73
C ILE B 123 7.15 24.17 -8.27
N CYS B 124 7.73 24.89 -9.21
N CYS B 124 7.72 24.94 -9.21
CA CYS B 124 8.36 26.16 -8.92
CA CYS B 124 8.32 26.26 -8.93
C CYS B 124 7.37 27.20 -8.39
C CYS B 124 7.33 27.18 -8.32
N LYS B 125 6.15 27.26 -8.96
CA LYS B 125 5.07 28.15 -8.51
C LYS B 125 4.67 27.81 -7.10
N GLY B 126 4.56 26.50 -6.78
CA GLY B 126 4.25 26.08 -5.42
C GLY B 126 5.35 26.45 -4.45
N MET B 127 6.62 26.31 -4.87
CA MET B 127 7.75 26.63 -4.00
C MET B 127 7.88 28.15 -3.76
N GLU B 128 7.58 28.94 -4.79
CA GLU B 128 7.58 30.40 -4.70
C GLU B 128 6.52 30.81 -3.66
N TYR B 129 5.36 30.11 -3.70
CA TYR B 129 4.25 30.38 -2.76
C TYR B 129 4.73 30.05 -1.32
N LEU B 130 5.34 28.87 -1.12
CA LEU B 130 5.86 28.51 0.20
C LEU B 130 6.86 29.54 0.70
N GLY B 131 7.76 29.98 -0.18
CA GLY B 131 8.77 30.97 0.13
C GLY B 131 8.16 32.27 0.62
N SER B 132 7.06 32.68 -0.01
CA SER B 132 6.35 33.90 0.34
C SER B 132 5.74 33.82 1.73
N ARG B 133 5.48 32.60 2.23
CA ARG B 133 4.95 32.30 3.56
C ARG B 133 6.06 32.00 4.56
N ARG B 134 7.35 32.15 4.14
CA ARG B 134 8.53 31.85 4.97
C ARG B 134 8.51 30.40 5.43
N CYS B 135 8.00 29.53 4.54
CA CYS B 135 7.90 28.10 4.82
C CYS B 135 9.02 27.37 4.14
N VAL B 136 9.85 26.67 4.92
CA VAL B 136 10.93 25.82 4.42
C VAL B 136 10.30 24.42 4.31
N HIS B 137 10.31 23.83 3.13
CA HIS B 137 9.67 22.51 2.94
C HIS B 137 10.60 21.37 3.36
N ARG B 138 11.91 21.46 2.95
CA ARG B 138 13.00 20.55 3.29
C ARG B 138 12.97 19.17 2.56
N ALA B 139 11.80 18.53 2.54
CA ALA B 139 11.62 17.17 2.00
C ALA B 139 11.48 17.07 0.49
N LEU B 140 11.45 18.20 -0.19
CA LEU B 140 11.25 18.28 -1.64
C LEU B 140 11.96 17.20 -2.43
N ALA B 141 11.16 16.38 -3.14
CA ALA B 141 11.67 15.26 -3.96
C ALA B 141 10.55 14.87 -4.87
N ALA B 142 10.84 14.15 -5.96
CA ALA B 142 9.76 13.72 -6.87
C ALA B 142 8.76 12.83 -6.13
N ARG B 143 9.20 12.09 -5.10
CA ARG B 143 8.26 11.23 -4.36
C ARG B 143 7.26 12.04 -3.53
N ASN B 144 7.57 13.34 -3.28
CA ASN B 144 6.76 14.27 -2.51
C ASN B 144 5.92 15.22 -3.38
N ILE B 145 5.87 14.96 -4.68
N ILE B 145 5.89 14.96 -4.68
CA ILE B 145 5.08 15.77 -5.63
CA ILE B 145 5.09 15.73 -5.64
C ILE B 145 3.99 14.86 -6.17
C ILE B 145 3.97 14.80 -6.03
N LEU B 146 2.73 15.31 -6.06
CA LEU B 146 1.57 14.50 -6.46
C LEU B 146 0.97 14.98 -7.77
N VAL B 147 0.43 14.02 -8.52
CA VAL B 147 -0.18 14.28 -9.80
C VAL B 147 -1.70 14.36 -9.60
N GLU B 148 -2.24 15.54 -9.82
CA GLU B 148 -3.67 15.81 -9.74
C GLU B 148 -4.26 15.29 -11.05
N SER B 149 -3.64 15.66 -12.15
CA SER B 149 -4.06 15.24 -13.48
C SER B 149 -2.87 15.26 -14.39
N GLU B 150 -3.04 14.85 -15.64
CA GLU B 150 -2.01 14.77 -16.66
C GLU B 150 -1.23 16.11 -16.78
N ALA B 151 -1.91 17.24 -16.59
CA ALA B 151 -1.34 18.58 -16.71
C ALA B 151 -1.27 19.37 -15.39
N HIS B 152 -1.28 18.69 -14.23
CA HIS B 152 -1.29 19.43 -12.95
C HIS B 152 -0.62 18.62 -11.85
N VAL B 153 0.39 19.19 -11.20
CA VAL B 153 1.07 18.56 -10.07
C VAL B 153 1.01 19.50 -8.90
N LYS B 154 1.22 18.96 -7.68
CA LYS B 154 1.15 19.73 -6.45
C LYS B 154 2.20 19.22 -5.49
N ILE B 155 2.67 20.07 -4.59
CA ILE B 155 3.66 19.70 -3.56
C ILE B 155 2.92 19.16 -2.34
N ALA B 156 3.49 18.11 -1.77
CA ALA B 156 2.95 17.45 -0.58
C ALA B 156 4.06 17.12 0.40
N ASP B 157 3.69 16.43 1.50
N ASP B 157 3.70 16.44 1.52
CA ASP B 157 4.58 16.00 2.58
CA ASP B 157 4.64 15.92 2.51
C ASP B 157 5.24 17.16 3.24
C ASP B 157 5.31 17.05 3.31
N PHE B 158 4.58 17.62 4.27
CA PHE B 158 5.00 18.76 5.08
C PHE B 158 5.46 18.30 6.46
N GLY B 159 5.78 17.02 6.57
CA GLY B 159 6.29 16.39 7.80
C GLY B 159 7.54 17.00 8.39
N LEU B 160 8.36 17.64 7.54
CA LEU B 160 9.59 18.29 7.97
C LEU B 160 9.56 19.79 7.71
N ALA B 161 8.42 20.34 7.28
CA ALA B 161 8.31 21.77 6.97
C ALA B 161 8.41 22.63 8.22
N LYS B 162 8.95 23.84 8.06
CA LYS B 162 9.09 24.76 9.21
C LYS B 162 8.94 26.16 8.78
N LEU B 163 8.32 26.98 9.64
CA LEU B 163 8.18 28.40 9.36
C LEU B 163 9.34 29.16 9.93
N LEU B 164 9.90 30.08 9.12
CA LEU B 164 11.01 30.88 9.55
C LEU B 164 10.49 32.12 10.29
N PRO B 165 11.07 32.43 11.44
CA PRO B 165 10.67 33.69 12.12
C PRO B 165 11.06 34.89 11.26
N LEU B 166 10.39 36.05 11.41
CA LEU B 166 10.69 37.26 10.64
C LEU B 166 12.18 37.68 10.63
N ASP B 167 12.89 37.45 11.75
CA ASP B 167 14.29 37.86 11.94
C ASP B 167 15.36 36.87 11.49
N LYS B 168 14.98 35.63 11.17
CA LYS B 168 15.93 34.59 10.77
C LYS B 168 15.58 33.95 9.45
N ASP B 169 16.59 33.81 8.58
CA ASP B 169 16.45 33.29 7.22
C ASP B 169 16.69 31.75 7.13
N TYR B 170 17.14 31.12 8.22
CA TYR B 170 17.43 29.69 8.24
C TYR B 170 17.27 29.17 9.66
N TYR B 171 17.31 27.86 9.79
CA TYR B 171 17.26 27.23 11.08
C TYR B 171 18.26 26.10 11.12
N VAL B 172 18.67 25.70 12.35
CA VAL B 172 19.60 24.57 12.56
C VAL B 172 18.83 23.48 13.31
N VAL B 173 18.97 22.23 12.87
CA VAL B 173 18.35 21.07 13.53
C VAL B 173 19.38 20.47 14.49
N SER B 179 17.04 10.36 7.49
CA SER B 179 16.74 11.31 6.41
C SER B 179 17.55 11.02 5.13
N PRO B 180 16.92 11.00 3.92
CA PRO B 180 17.68 10.76 2.68
C PRO B 180 18.52 11.99 2.29
N ILE B 181 19.83 11.81 2.41
CA ILE B 181 20.86 12.81 2.20
C ILE B 181 21.05 13.25 0.77
N PHE B 182 20.67 12.43 -0.24
CA PHE B 182 21.00 12.75 -1.61
C PHE B 182 20.25 13.94 -2.22
N TRP B 183 19.25 14.50 -1.50
CA TRP B 183 18.54 15.68 -2.04
C TRP B 183 18.96 16.94 -1.28
N TYR B 184 19.77 16.79 -0.21
CA TYR B 184 20.12 17.91 0.65
C TYR B 184 21.25 18.77 0.17
N ALA B 185 21.17 20.07 0.50
CA ALA B 185 22.22 21.04 0.20
C ALA B 185 23.47 20.79 1.08
N PRO B 186 24.63 21.25 0.59
CA PRO B 186 25.88 21.06 1.36
C PRO B 186 25.78 21.64 2.79
N GLU B 187 25.21 22.85 2.97
CA GLU B 187 25.02 23.37 4.34
C GLU B 187 24.10 22.51 5.22
N SER B 188 23.15 21.79 4.60
CA SER B 188 22.26 20.91 5.39
C SER B 188 23.03 19.67 5.82
N LEU B 189 23.85 19.14 4.92
CA LEU B 189 24.70 17.96 5.13
C LEU B 189 25.81 18.24 6.14
N SER B 190 26.56 19.34 5.95
CA SER B 190 27.67 19.69 6.85
C SER B 190 27.28 20.32 8.20
N ASP B 191 26.26 21.21 8.17
CA ASP B 191 25.89 22.01 9.34
C ASP B 191 24.47 21.90 9.85
N ASN B 192 23.64 21.01 9.24
CA ASN B 192 22.24 20.82 9.63
C ASN B 192 21.44 22.10 9.47
N ILE B 193 21.84 22.91 8.48
CA ILE B 193 21.16 24.16 8.20
C ILE B 193 20.13 23.96 7.12
N PHE B 194 18.93 24.48 7.33
CA PHE B 194 17.91 24.45 6.29
C PHE B 194 17.31 25.83 6.09
N SER B 195 16.96 26.16 4.84
CA SER B 195 16.41 27.47 4.48
C SER B 195 15.64 27.36 3.17
N ARG B 196 15.11 28.50 2.70
CA ARG B 196 14.44 28.47 1.38
C ARG B 196 15.48 28.31 0.27
N GLN B 197 16.75 28.67 0.56
CA GLN B 197 17.85 28.49 -0.38
C GLN B 197 18.26 27.01 -0.48
N SER B 198 18.19 26.24 0.62
CA SER B 198 18.47 24.82 0.55
C SER B 198 17.30 24.15 -0.19
N ASP B 199 16.06 24.72 -0.11
CA ASP B 199 14.96 24.17 -0.89
C ASP B 199 15.27 24.35 -2.36
N VAL B 200 15.91 25.47 -2.73
CA VAL B 200 16.30 25.67 -4.16
C VAL B 200 17.29 24.55 -4.65
N TRP B 201 18.25 24.16 -3.80
CA TRP B 201 19.20 23.09 -4.13
C TRP B 201 18.39 21.80 -4.37
N SER B 202 17.48 21.46 -3.45
CA SER B 202 16.63 20.26 -3.57
C SER B 202 15.78 20.33 -4.84
N PHE B 203 15.34 21.52 -5.21
CA PHE B 203 14.54 21.70 -6.43
C PHE B 203 15.39 21.33 -7.65
N GLY B 204 16.69 21.68 -7.62
CA GLY B 204 17.63 21.27 -8.66
C GLY B 204 17.67 19.76 -8.77
N VAL B 205 17.64 19.08 -7.62
CA VAL B 205 17.64 17.59 -7.59
C VAL B 205 16.29 17.06 -8.19
N VAL B 206 15.17 17.75 -7.91
CA VAL B 206 13.87 17.41 -8.50
C VAL B 206 13.90 17.54 -10.03
N LEU B 207 14.51 18.64 -10.54
CA LEU B 207 14.69 18.80 -11.98
C LEU B 207 15.45 17.57 -12.55
N TYR B 208 16.55 17.18 -11.90
CA TYR B 208 17.31 16.00 -12.31
C TYR B 208 16.41 14.73 -12.32
N GLU B 209 15.62 14.51 -11.25
CA GLU B 209 14.77 13.33 -11.21
C GLU B 209 13.76 13.37 -12.36
N LEU B 210 13.15 14.54 -12.61
CA LEU B 210 12.12 14.67 -13.63
C LEU B 210 12.67 14.27 -14.97
N PHE B 211 13.85 14.83 -15.32
CA PHE B 211 14.48 14.50 -16.59
C PHE B 211 15.10 13.12 -16.72
N THR B 212 15.15 12.34 -15.62
CA THR B 212 15.53 10.93 -15.68
C THR B 212 14.22 10.09 -15.75
N TYR B 213 13.04 10.73 -15.70
CA TYR B 213 11.72 10.05 -15.63
C TYR B 213 11.64 9.19 -14.38
N CYS B 214 12.39 9.63 -13.35
CA CYS B 214 12.51 8.95 -12.06
C CYS B 214 12.96 7.51 -12.17
N ASP B 215 13.83 7.22 -13.15
CA ASP B 215 14.38 5.88 -13.33
C ASP B 215 15.13 5.50 -12.06
N LYS B 216 14.80 4.33 -11.47
CA LYS B 216 15.38 3.88 -10.19
C LYS B 216 16.88 3.72 -10.20
N SER B 217 17.44 3.30 -11.34
N SER B 217 17.45 3.27 -11.32
CA SER B 217 18.88 3.07 -11.45
CA SER B 217 18.88 3.06 -11.41
C SER B 217 19.63 4.36 -11.69
C SER B 217 19.64 4.36 -11.68
N CYS B 218 18.90 5.45 -11.98
CA CYS B 218 19.42 6.81 -12.27
C CYS B 218 19.14 7.75 -11.13
N SER B 219 18.51 7.28 -10.04
CA SER B 219 18.05 8.18 -8.96
C SER B 219 19.19 8.98 -8.37
N PRO B 220 18.88 10.06 -7.61
CA PRO B 220 19.97 10.82 -6.96
C PRO B 220 20.82 9.94 -6.03
N SER B 221 20.20 8.98 -5.31
CA SER B 221 20.93 8.06 -4.47
C SER B 221 21.79 7.11 -5.33
N ALA B 222 21.20 6.52 -6.39
CA ALA B 222 21.95 5.59 -7.26
C ALA B 222 23.10 6.27 -8.01
N GLU B 223 22.88 7.48 -8.52
CA GLU B 223 23.87 8.19 -9.30
C GLU B 223 25.02 8.72 -8.45
N PHE B 224 24.72 9.26 -7.25
CA PHE B 224 25.76 9.76 -6.34
C PHE B 224 26.61 8.60 -5.85
N LEU B 225 25.97 7.49 -5.51
CA LEU B 225 26.67 6.27 -5.10
C LEU B 225 27.60 5.78 -6.20
N ARG B 226 27.14 5.74 -7.47
CA ARG B 226 28.05 5.40 -8.57
C ARG B 226 29.19 6.44 -8.78
N MET B 227 28.91 7.74 -8.51
CA MET B 227 29.94 8.78 -8.60
C MET B 227 30.98 8.61 -7.48
N MET B 228 30.55 8.17 -6.28
CA MET B 228 31.47 8.01 -5.16
C MET B 228 32.22 6.69 -5.09
N GLY B 229 31.49 5.57 -5.20
CA GLY B 229 32.07 4.23 -5.18
C GLY B 229 31.48 3.27 -4.17
N SER B 230 30.53 3.74 -3.31
CA SER B 230 29.91 2.90 -2.29
C SER B 230 28.41 2.78 -2.47
N LEU B 237 29.32 10.23 4.21
CA LEU B 237 29.09 11.69 4.18
C LEU B 237 30.35 12.45 3.75
N SER B 238 31.51 12.07 4.29
CA SER B 238 32.78 12.73 3.94
C SER B 238 33.03 12.70 2.45
N ARG B 239 32.77 11.57 1.77
CA ARG B 239 33.04 11.49 0.33
C ARG B 239 32.04 12.34 -0.46
N LEU B 240 30.78 12.35 -0.05
CA LEU B 240 29.77 13.19 -0.71
C LEU B 240 30.17 14.64 -0.55
N LEU B 241 30.56 15.05 0.67
CA LEU B 241 30.98 16.42 0.90
C LEU B 241 32.24 16.73 0.12
N GLU B 242 33.20 15.72 -0.03
CA GLU B 242 34.41 15.89 -0.85
C GLU B 242 34.03 16.15 -2.31
N LEU B 243 33.16 15.29 -2.88
CA LEU B 243 32.66 15.39 -4.24
C LEU B 243 32.06 16.75 -4.46
N LEU B 244 31.16 17.20 -3.55
CA LEU B 244 30.50 18.50 -3.71
C LEU B 244 31.51 19.64 -3.59
N GLU B 245 32.47 19.52 -2.65
CA GLU B 245 33.51 20.56 -2.46
C GLU B 245 34.33 20.74 -3.75
N GLU B 246 34.64 19.62 -4.43
CA GLU B 246 35.39 19.55 -5.69
C GLU B 246 34.62 20.17 -6.87
N GLY B 247 33.30 20.36 -6.69
CA GLY B 247 32.46 20.94 -7.73
C GLY B 247 31.75 19.89 -8.55
N GLN B 248 31.84 18.65 -8.12
CA GLN B 248 31.18 17.55 -8.81
C GLN B 248 29.69 17.62 -8.51
N ARG B 249 28.88 17.29 -9.52
CA ARG B 249 27.44 17.34 -9.35
C ARG B 249 26.83 16.18 -10.08
N LEU B 250 25.52 15.99 -9.87
CA LEU B 250 24.80 15.01 -10.66
C LEU B 250 24.89 15.44 -12.11
N PRO B 251 25.02 14.48 -13.04
CA PRO B 251 25.10 14.86 -14.46
C PRO B 251 23.75 15.27 -15.04
N ALA B 252 23.76 15.96 -16.18
CA ALA B 252 22.51 16.30 -16.85
C ALA B 252 21.94 14.96 -17.34
N PRO B 253 20.65 14.62 -17.06
CA PRO B 253 20.16 13.34 -17.58
C PRO B 253 20.23 13.30 -19.11
N PRO B 254 20.23 12.10 -19.73
CA PRO B 254 20.17 12.05 -21.21
C PRO B 254 19.02 12.89 -21.79
N ALA B 255 19.30 13.67 -22.86
CA ALA B 255 18.34 14.56 -23.55
C ALA B 255 17.74 15.70 -22.72
N CYS B 256 18.23 15.91 -21.48
CA CYS B 256 17.75 16.99 -20.62
C CYS B 256 18.02 18.26 -21.39
N PRO B 257 17.04 19.19 -21.59
CA PRO B 257 17.37 20.46 -22.26
C PRO B 257 18.59 21.12 -21.63
N ALA B 258 19.51 21.61 -22.46
CA ALA B 258 20.71 22.27 -21.97
C ALA B 258 20.34 23.40 -21.04
N GLU B 259 19.22 24.11 -21.33
CA GLU B 259 18.74 25.25 -20.54
C GLU B 259 18.32 24.77 -19.15
N VAL B 260 17.76 23.54 -19.06
CA VAL B 260 17.36 23.00 -17.76
C VAL B 260 18.59 22.61 -16.96
N HIS B 261 19.62 22.03 -17.62
CA HIS B 261 20.88 21.71 -16.93
C HIS B 261 21.54 23.00 -16.38
N GLU B 262 21.43 24.12 -17.13
CA GLU B 262 21.99 25.41 -16.66
C GLU B 262 21.31 25.81 -15.33
N LEU B 263 19.97 25.71 -15.30
CA LEU B 263 19.14 25.98 -14.13
C LEU B 263 19.54 25.09 -12.97
N MET B 264 19.77 23.79 -13.20
CA MET B 264 20.25 22.85 -12.17
C MET B 264 21.59 23.32 -11.59
N LYS B 265 22.57 23.69 -12.46
CA LYS B 265 23.87 24.15 -11.96
C LYS B 265 23.76 25.39 -11.07
N LEU B 266 22.86 26.31 -11.42
CA LEU B 266 22.64 27.53 -10.62
C LEU B 266 22.02 27.15 -9.28
N CYS B 267 21.07 26.19 -9.28
CA CYS B 267 20.43 25.68 -8.05
C CYS B 267 21.48 25.02 -7.16
N TRP B 268 22.52 24.46 -7.79
CA TRP B 268 23.55 23.76 -7.05
C TRP B 268 24.78 24.59 -6.75
N ALA B 269 24.66 25.92 -6.74
CA ALA B 269 25.78 26.79 -6.30
C ALA B 269 26.15 26.39 -4.82
N PRO B 270 27.46 26.22 -4.46
CA PRO B 270 27.79 25.79 -3.08
C PRO B 270 27.35 26.78 -1.99
N SER B 271 27.37 28.08 -2.31
CA SER B 271 26.95 29.10 -1.34
C SER B 271 25.43 29.36 -1.49
N PRO B 272 24.63 29.19 -0.42
CA PRO B 272 23.16 29.39 -0.53
C PRO B 272 22.72 30.71 -1.16
N GLN B 273 23.32 31.85 -0.73
CA GLN B 273 22.95 33.15 -1.28
C GLN B 273 23.22 33.34 -2.78
N ASP B 274 24.04 32.47 -3.39
CA ASP B 274 24.29 32.56 -4.81
C ASP B 274 23.22 31.88 -5.65
N ARG B 275 22.46 30.97 -5.05
CA ARG B 275 21.44 30.21 -5.77
C ARG B 275 20.31 31.12 -6.24
N PRO B 276 19.66 30.83 -7.39
CA PRO B 276 18.54 31.68 -7.83
C PRO B 276 17.35 31.56 -6.90
N SER B 277 16.39 32.49 -7.04
CA SER B 277 15.17 32.46 -6.24
C SER B 277 14.12 31.73 -7.06
N PHE B 278 13.10 31.13 -6.42
CA PHE B 278 12.05 30.49 -7.21
C PHE B 278 11.33 31.49 -8.11
N SER B 279 11.30 32.77 -7.73
CA SER B 279 10.70 33.84 -8.54
C SER B 279 11.47 34.05 -9.86
N ALA B 280 12.79 33.75 -9.89
CA ALA B 280 13.61 33.84 -11.11
C ALA B 280 13.49 32.58 -11.98
N LEU B 281 13.41 31.38 -11.36
CA LEU B 281 13.33 30.10 -12.07
C LEU B 281 12.01 29.89 -12.78
N GLY B 282 10.92 30.30 -12.13
CA GLY B 282 9.55 30.16 -12.61
C GLY B 282 9.32 30.67 -14.02
N PRO B 283 9.50 31.98 -14.27
CA PRO B 283 9.30 32.49 -15.63
C PRO B 283 10.21 31.86 -16.69
N GLN B 284 11.46 31.42 -16.32
CA GLN B 284 12.35 30.74 -17.25
C GLN B 284 11.81 29.38 -17.65
N LEU B 285 11.34 28.59 -16.66
CA LEU B 285 10.78 27.28 -16.95
C LEU B 285 9.47 27.41 -17.76
N ASP B 286 8.67 28.45 -17.46
CA ASP B 286 7.42 28.80 -18.14
C ASP B 286 7.72 29.03 -19.63
N MET B 287 8.75 29.86 -19.91
CA MET B 287 9.18 30.14 -21.28
C MET B 287 9.71 28.90 -21.98
N LEU B 288 10.43 28.02 -21.26
CA LEU B 288 10.96 26.80 -21.86
C LEU B 288 9.84 25.86 -22.27
N TRP B 289 8.81 25.74 -21.42
CA TRP B 289 7.63 24.91 -21.68
C TRP B 289 6.89 25.44 -22.92
N SER B 290 6.52 26.73 -22.89
CA SER B 290 5.83 27.48 -23.95
C SER B 290 6.48 27.37 -25.32
N GLY B 291 7.81 27.34 -25.37
CA GLY B 291 8.58 27.23 -26.61
C GLY B 291 9.00 25.82 -27.00
N SER B 292 8.48 24.79 -26.28
CA SER B 292 8.78 23.38 -26.53
C SER B 292 7.57 22.65 -27.09
#